data_4W8A
#
_entry.id   4W8A
#
_cell.length_a   120.951
_cell.length_b   120.951
_cell.length_c   59.030
_cell.angle_alpha   90.000
_cell.angle_beta   90.000
_cell.angle_gamma   120.000
#
_symmetry.space_group_name_H-M   'P 61'
#
loop_
_entity.id
_entity.type
_entity.pdbx_description
1 polymer Exo-xyloglucanase
2 non-polymer 'SULFATE ION'
3 non-polymer GLYCEROL
4 water water
#
_entity_poly.entity_id   1
_entity_poly.type   'polypeptide(L)'
_entity_poly.pdbx_seq_one_letter_code
;KDAQAIAKDMYPGWNLGNTLEATGSGLDAETSWQPTLTTQQIIDAVKAAGFKSVRIPCSWDIHSDSNGEIDAQWMARVKQ
VVNYCINDGIYVVLNDHWDNGWIEVLGFSKSSSSYQAVDEATITSKITRLKDLWTQIANEFKDYDEHLLFAGLNEPFQEY
SLFSGHHEELTPILCRYNQAFVEAVRATGGNNAQRTLVVQGPSTNINSSVNYMTADKLPETAGRLMVEVHYYDPGQFCGT
FDASGDNAFYFWGAANHSTDHNATYGEEAYMLSQFGLLKTAYTSLGYPVIIGEYAALQRTISGDQNKHNASVKYFYQCVN
EYATNNGIIAFAWDTNDTNGLNSEGGSSTIIDRANSAVVGNNAMEGVKAGVAAGKWPFLEHHHHHH
;
_entity_poly.pdbx_strand_id   A
#
loop_
_chem_comp.id
_chem_comp.type
_chem_comp.name
_chem_comp.formula
GOL non-polymer GLYCEROL 'C3 H8 O3'
SO4 non-polymer 'SULFATE ION' 'O4 S -2'
#
# COMPACT_ATOMS: atom_id res chain seq x y z
N LYS A 1 12.33 -18.01 4.03
CA LYS A 1 11.30 -18.22 3.02
C LYS A 1 11.40 -17.06 2.06
N ASP A 2 11.25 -17.36 0.78
CA ASP A 2 11.38 -16.35 -0.30
C ASP A 2 10.05 -15.72 -0.69
N ALA A 3 10.06 -14.90 -1.73
CA ALA A 3 8.85 -14.08 -2.04
C ALA A 3 7.66 -14.90 -2.41
N GLN A 4 7.85 -15.96 -3.19
CA GLN A 4 6.73 -16.83 -3.55
C GLN A 4 6.19 -17.49 -2.29
N ALA A 5 7.11 -17.92 -1.45
CA ALA A 5 6.73 -18.65 -0.27
C ALA A 5 5.90 -17.83 0.72
N ILE A 6 6.26 -16.58 0.93
CA ILE A 6 5.51 -15.73 1.86
C ILE A 6 4.22 -15.16 1.20
N ALA A 7 4.28 -14.89 -0.09
CA ALA A 7 3.15 -14.29 -0.80
C ALA A 7 1.88 -15.08 -0.67
N LYS A 8 1.98 -16.40 -0.82
CA LYS A 8 0.84 -17.26 -0.73
C LYS A 8 0.20 -17.27 0.62
N ASP A 9 0.91 -16.77 1.65
CA ASP A 9 0.34 -16.72 3.01
C ASP A 9 0.01 -15.30 3.44
N MET A 10 0.16 -14.34 2.51
CA MET A 10 0.01 -12.93 2.87
C MET A 10 -1.36 -12.30 2.72
N TYR A 11 -2.19 -12.88 1.89
CA TYR A 11 -3.48 -12.25 1.56
C TYR A 11 -4.55 -12.72 2.52
N PRO A 12 -5.48 -11.80 2.88
CA PRO A 12 -5.60 -10.40 2.46
C PRO A 12 -4.83 -9.46 3.41
N GLY A 13 -4.53 -8.28 2.90
CA GLY A 13 -3.83 -7.25 3.59
C GLY A 13 -4.68 -6.06 4.06
N TRP A 14 -4.15 -5.37 5.06
CA TRP A 14 -4.80 -4.19 5.67
C TRP A 14 -3.71 -3.13 5.98
N ASN A 15 -4.05 -1.85 5.83
CA ASN A 15 -3.17 -0.75 6.16
C ASN A 15 -3.49 -0.12 7.51
N LEU A 16 -2.43 0.12 8.27
CA LEU A 16 -2.49 0.96 9.49
C LEU A 16 -2.43 2.47 9.06
N GLY A 17 -3.54 2.92 8.42
CA GLY A 17 -3.56 4.18 7.75
C GLY A 17 -3.66 5.35 8.68
N ASN A 18 -3.17 6.48 8.23
CA ASN A 18 -3.23 7.77 8.98
C ASN A 18 -2.61 7.71 10.35
N THR A 19 -1.58 6.85 10.48
CA THR A 19 -0.99 6.52 11.75
C THR A 19 0.48 6.94 11.83
N LEU A 20 1.37 6.00 11.57
CA LEU A 20 2.79 6.26 11.72
C LEU A 20 3.38 7.09 10.59
N GLU A 21 2.61 7.31 9.51
CA GLU A 21 3.08 8.18 8.45
C GLU A 21 2.75 9.65 8.62
N ALA A 22 2.01 10.01 9.68
CA ALA A 22 1.64 11.40 9.85
C ALA A 22 2.92 12.27 9.94
N THR A 23 2.90 13.46 9.37
CA THR A 23 4.10 14.33 9.31
C THR A 23 4.18 15.23 10.52
N GLY A 24 4.22 14.65 11.68
CA GLY A 24 4.53 15.30 12.95
C GLY A 24 5.93 14.86 13.37
N SER A 25 6.50 15.64 14.25
CA SER A 25 7.88 15.43 14.66
C SER A 25 8.08 14.53 15.85
N GLY A 26 7.03 14.31 16.62
CA GLY A 26 7.07 13.54 17.83
C GLY A 26 6.32 12.21 17.78
N LEU A 27 6.41 11.46 18.89
CA LEU A 27 5.70 10.18 19.03
C LEU A 27 4.19 10.45 18.92
N ASP A 28 3.78 11.66 19.32
CA ASP A 28 2.36 11.99 19.25
C ASP A 28 1.85 12.03 17.84
N ALA A 29 2.73 12.06 16.86
CA ALA A 29 2.28 12.02 15.46
C ALA A 29 1.37 10.80 15.21
N GLU A 30 1.57 9.72 15.95
CA GLU A 30 0.80 8.48 15.78
C GLU A 30 -0.70 8.71 15.90
N THR A 31 -1.09 9.71 16.72
CA THR A 31 -2.52 9.96 16.98
C THR A 31 -2.91 11.33 16.55
N SER A 32 -2.30 11.82 15.49
CA SER A 32 -2.52 13.19 15.05
C SER A 32 -3.50 13.23 13.89
N TRP A 33 -3.45 12.23 13.01
CA TRP A 33 -4.37 12.15 11.87
C TRP A 33 -5.52 11.12 12.07
N GLN A 34 -5.46 10.39 13.16
CA GLN A 34 -6.50 9.50 13.66
C GLN A 34 -6.35 9.38 15.15
N PRO A 35 -7.40 8.97 15.88
CA PRO A 35 -7.39 9.22 17.31
C PRO A 35 -6.76 8.21 18.23
N THR A 36 -6.60 6.99 17.75
CA THR A 36 -6.39 5.81 18.63
C THR A 36 -4.91 5.31 18.68
N LEU A 37 -4.30 5.33 19.84
CA LEU A 37 -2.97 4.78 20.01
C LEU A 37 -3.00 3.26 19.68
N THR A 38 -2.04 2.81 18.85
CA THR A 38 -2.03 1.41 18.47
C THR A 38 -1.69 0.53 19.71
N THR A 39 -2.32 -0.61 19.76
CA THR A 39 -2.07 -1.58 20.79
C THR A 39 -2.02 -2.99 20.23
N GLN A 40 -1.56 -3.94 21.05
CA GLN A 40 -1.63 -5.34 20.68
C GLN A 40 -3.10 -5.77 20.43
N GLN A 41 -4.01 -5.32 21.26
CA GLN A 41 -5.42 -5.69 21.14
C GLN A 41 -5.97 -5.30 19.79
N ILE A 42 -5.57 -4.12 19.28
CA ILE A 42 -6.04 -3.62 17.95
C ILE A 42 -5.54 -4.51 16.83
N ILE A 43 -4.26 -4.86 16.91
CA ILE A 43 -3.66 -5.73 15.91
C ILE A 43 -4.25 -7.15 15.97
N ASP A 44 -4.58 -7.62 17.17
CA ASP A 44 -5.23 -8.88 17.35
C ASP A 44 -6.57 -8.88 16.65
N ALA A 45 -7.26 -7.72 16.65
CA ALA A 45 -8.58 -7.59 16.00
C ALA A 45 -8.44 -7.60 14.51
N VAL A 46 -7.34 -7.02 13.98
CA VAL A 46 -7.07 -7.09 12.55
C VAL A 46 -6.87 -8.54 12.12
N LYS A 47 -6.09 -9.30 12.90
CA LYS A 47 -5.95 -10.74 12.60
C LYS A 47 -7.29 -11.48 12.70
N ALA A 48 -8.06 -11.22 13.76
CA ALA A 48 -9.29 -11.95 14.02
C ALA A 48 -10.31 -11.72 12.90
N ALA A 49 -10.24 -10.56 12.26
CA ALA A 49 -11.12 -10.25 11.15
C ALA A 49 -10.80 -11.05 9.91
N GLY A 50 -9.54 -11.50 9.83
CA GLY A 50 -9.08 -12.40 8.75
C GLY A 50 -7.93 -11.88 7.92
N PHE A 51 -7.38 -10.74 8.30
CA PHE A 51 -6.21 -10.21 7.54
C PHE A 51 -4.96 -10.95 7.94
N LYS A 52 -4.09 -11.15 6.98
CA LYS A 52 -2.86 -11.93 7.16
C LYS A 52 -1.59 -11.03 7.12
N SER A 53 -1.71 -9.81 6.61
CA SER A 53 -0.60 -8.89 6.48
C SER A 53 -1.10 -7.51 6.78
N VAL A 54 -0.18 -6.72 7.36
CA VAL A 54 -0.40 -5.33 7.70
C VAL A 54 0.66 -4.48 7.01
N ARG A 55 0.24 -3.56 6.17
CA ARG A 55 1.11 -2.51 5.73
C ARG A 55 1.11 -1.35 6.70
N ILE A 56 2.32 -0.95 7.07
CA ILE A 56 2.54 0.17 7.97
C ILE A 56 3.19 1.30 7.28
N PRO A 57 2.38 2.25 6.77
CA PRO A 57 2.92 3.53 6.27
C PRO A 57 3.66 4.20 7.40
N CYS A 58 4.87 4.67 7.11
CA CYS A 58 5.69 5.22 8.17
C CYS A 58 6.56 6.31 7.64
N SER A 59 6.64 7.41 8.36
CA SER A 59 7.53 8.50 8.03
C SER A 59 8.76 8.45 8.90
N TRP A 60 9.86 8.80 8.27
CA TRP A 60 11.19 8.69 8.89
C TRP A 60 12.04 9.96 8.73
N ASP A 61 12.08 10.54 7.54
CA ASP A 61 12.79 11.76 7.35
C ASP A 61 12.22 12.84 8.29
N ILE A 62 10.90 12.89 8.48
CA ILE A 62 10.25 13.87 9.38
C ILE A 62 10.61 13.63 10.87
N HIS A 63 11.09 12.43 11.17
CA HIS A 63 11.51 12.06 12.55
C HIS A 63 13.03 11.99 12.61
N SER A 64 13.72 12.68 11.69
CA SER A 64 15.18 12.74 11.71
C SER A 64 15.70 14.14 12.14
N ASP A 65 16.87 14.15 12.77
CA ASP A 65 17.53 15.36 13.20
C ASP A 65 18.31 16.04 12.06
N SER A 66 19.08 17.09 12.32
CA SER A 66 19.70 17.76 11.22
C SER A 66 20.86 17.03 10.59
N ASN A 67 21.35 16.00 11.30
CA ASN A 67 22.36 15.11 10.74
C ASN A 67 21.76 13.92 10.08
N GLY A 68 20.45 13.84 10.07
CA GLY A 68 19.80 12.78 9.31
C GLY A 68 19.49 11.56 10.15
N GLU A 69 19.80 11.63 11.44
CA GLU A 69 19.62 10.45 12.28
C GLU A 69 18.13 10.40 12.74
N ILE A 70 17.56 9.20 12.63
CA ILE A 70 16.18 8.98 13.05
C ILE A 70 16.16 8.96 14.59
N ASP A 71 15.16 9.64 15.15
CA ASP A 71 14.96 9.75 16.59
C ASP A 71 14.88 8.35 17.17
N ALA A 72 15.65 8.07 18.22
CA ALA A 72 15.69 6.75 18.77
C ALA A 72 14.36 6.35 19.41
N GLN A 73 13.67 7.32 20.02
CA GLN A 73 12.37 7.00 20.64
C GLN A 73 11.32 6.68 19.56
N TRP A 74 11.40 7.38 18.41
CA TRP A 74 10.50 7.07 17.27
C TRP A 74 10.77 5.66 16.77
N MET A 75 12.04 5.34 16.56
CA MET A 75 12.40 4.04 16.08
C MET A 75 11.90 2.97 17.03
N ALA A 76 12.09 3.17 18.35
CA ALA A 76 11.61 2.20 19.31
C ALA A 76 10.09 2.01 19.26
N ARG A 77 9.35 3.09 19.07
CA ARG A 77 7.93 2.98 18.93
C ARG A 77 7.49 2.20 17.67
N VAL A 78 8.11 2.48 16.53
CA VAL A 78 7.76 1.77 15.29
C VAL A 78 8.02 0.27 15.52
N LYS A 79 9.12 -0.03 16.18
CA LYS A 79 9.49 -1.45 16.46
C LYS A 79 8.41 -2.10 17.34
N GLN A 80 7.91 -1.41 18.34
CA GLN A 80 6.84 -1.94 19.16
C GLN A 80 5.59 -2.26 18.34
N VAL A 81 5.24 -1.36 17.44
CA VAL A 81 4.07 -1.57 16.54
C VAL A 81 4.29 -2.77 15.63
N VAL A 82 5.48 -2.87 15.04
CA VAL A 82 5.82 -4.00 14.23
C VAL A 82 5.71 -5.27 15.07
N ASN A 83 6.17 -5.22 16.31
CA ASN A 83 6.19 -6.41 17.14
C ASN A 83 4.76 -6.90 17.45
N TYR A 84 3.79 -5.98 17.57
CA TYR A 84 2.38 -6.41 17.77
C TYR A 84 1.97 -7.34 16.66
N CYS A 85 2.41 -7.05 15.45
CA CYS A 85 2.11 -7.87 14.29
C CYS A 85 2.87 -9.19 14.25
N ILE A 86 4.19 -9.07 14.42
CA ILE A 86 5.05 -10.23 14.44
C ILE A 86 4.64 -11.19 15.52
N ASN A 87 4.23 -10.68 16.69
CA ASN A 87 3.73 -11.55 17.78
C ASN A 87 2.57 -12.36 17.36
N ASP A 88 1.80 -11.90 16.38
CA ASP A 88 0.63 -12.62 15.90
C ASP A 88 0.85 -13.35 14.61
N GLY A 89 2.08 -13.42 14.14
CA GLY A 89 2.33 -14.10 12.88
C GLY A 89 1.84 -13.36 11.65
N ILE A 90 1.60 -12.08 11.83
CA ILE A 90 1.15 -11.24 10.73
C ILE A 90 2.36 -10.79 9.93
N TYR A 91 2.30 -10.81 8.60
CA TYR A 91 3.35 -10.23 7.79
C TYR A 91 3.24 -8.72 7.79
N VAL A 92 4.38 -8.03 7.82
CA VAL A 92 4.42 -6.59 7.90
C VAL A 92 5.12 -6.03 6.70
N VAL A 93 4.49 -5.03 6.07
CA VAL A 93 5.14 -4.28 4.99
C VAL A 93 5.38 -2.87 5.57
N LEU A 94 6.62 -2.60 5.94
CA LEU A 94 7.00 -1.35 6.60
C LEU A 94 7.61 -0.50 5.49
N ASN A 95 7.07 0.69 5.30
CA ASN A 95 7.60 1.54 4.25
C ASN A 95 8.25 2.88 4.71
N ASP A 96 8.69 3.68 3.73
CA ASP A 96 8.87 5.11 3.93
C ASP A 96 7.78 5.75 3.05
N HIS A 97 6.89 6.52 3.70
CA HIS A 97 5.67 6.99 3.04
C HIS A 97 5.89 8.35 2.38
N TRP A 98 4.83 9.10 2.11
CA TRP A 98 4.99 10.43 1.53
C TRP A 98 6.02 11.17 2.32
N ASP A 99 5.91 11.16 3.68
CA ASP A 99 6.99 11.68 4.47
C ASP A 99 7.37 13.14 4.10
N ASN A 100 6.32 13.94 3.91
CA ASN A 100 6.40 15.39 3.61
C ASN A 100 7.03 15.66 2.26
N GLY A 101 7.06 14.63 1.43
CA GLY A 101 7.53 14.78 0.08
C GLY A 101 9.01 14.85 -0.21
N TRP A 102 9.82 14.47 0.79
CA TRP A 102 11.26 14.65 0.68
C TRP A 102 11.85 13.96 -0.54
N ILE A 103 11.34 12.77 -0.87
CA ILE A 103 11.68 12.12 -2.10
C ILE A 103 10.47 11.94 -3.06
N GLU A 104 9.28 11.69 -2.53
CA GLU A 104 8.10 11.45 -3.34
C GLU A 104 7.83 12.58 -4.30
N VAL A 105 8.11 13.81 -3.86
CA VAL A 105 8.04 14.98 -4.68
C VAL A 105 9.41 15.48 -5.06
N LEU A 106 10.25 15.74 -4.08
CA LEU A 106 11.52 16.45 -4.29
C LEU A 106 12.63 15.56 -4.82
N GLY A 107 12.36 14.23 -4.95
CA GLY A 107 13.27 13.36 -5.75
C GLY A 107 13.10 13.54 -7.23
N PHE A 108 12.01 14.22 -7.64
CA PHE A 108 11.63 14.29 -9.03
C PHE A 108 11.37 15.68 -9.56
N SER A 109 11.22 16.67 -8.69
CA SER A 109 11.16 18.08 -9.07
C SER A 109 12.02 18.85 -8.04
N LYS A 110 12.67 19.90 -8.50
CA LYS A 110 13.41 20.77 -7.60
C LYS A 110 12.50 21.73 -6.81
N SER A 111 11.24 21.79 -7.19
CA SER A 111 10.23 22.62 -6.57
C SER A 111 9.01 21.81 -6.23
N SER A 112 8.43 22.06 -5.04
CA SER A 112 7.14 21.47 -4.66
C SER A 112 5.91 22.24 -5.31
N SER A 113 6.12 23.44 -5.89
CA SER A 113 5.04 24.28 -6.46
C SER A 113 4.89 24.25 -7.95
N SER A 114 5.95 23.85 -8.65
CA SER A 114 5.86 23.65 -10.06
C SER A 114 6.89 22.66 -10.47
N TYR A 115 6.72 22.09 -11.66
CA TYR A 115 7.63 21.08 -12.14
C TYR A 115 8.91 21.73 -12.63
N GLN A 116 10.02 21.36 -11.97
CA GLN A 116 11.39 21.85 -12.33
C GLN A 116 12.29 20.65 -12.31
N ALA A 117 12.81 20.31 -13.48
CA ALA A 117 13.48 19.02 -13.70
C ALA A 117 14.68 18.95 -12.76
N VAL A 118 14.83 17.80 -12.13
CA VAL A 118 16.02 17.54 -11.30
C VAL A 118 17.23 17.23 -12.16
N ASP A 119 18.39 17.36 -11.58
CA ASP A 119 19.66 17.06 -12.22
C ASP A 119 20.38 16.02 -11.42
N GLU A 120 21.58 15.68 -11.91
CA GLU A 120 22.34 14.60 -11.28
C GLU A 120 22.67 14.88 -9.82
N ALA A 121 22.94 16.15 -9.43
CA ALA A 121 23.29 16.44 -8.09
C ALA A 121 22.11 16.14 -7.18
N THR A 122 20.91 16.48 -7.64
CA THR A 122 19.71 16.18 -6.82
C THR A 122 19.55 14.67 -6.65
N ILE A 123 19.66 13.97 -7.75
CA ILE A 123 19.42 12.51 -7.74
C ILE A 123 20.40 11.80 -6.88
N THR A 124 21.68 12.17 -6.96
CA THR A 124 22.68 11.47 -6.18
C THR A 124 22.53 11.84 -4.73
N SER A 125 22.17 13.09 -4.44
CA SER A 125 21.89 13.53 -3.07
C SER A 125 20.73 12.76 -2.44
N LYS A 126 19.69 12.53 -3.26
CA LYS A 126 18.51 11.78 -2.75
C LYS A 126 18.84 10.31 -2.57
N ILE A 127 19.66 9.80 -3.43
CA ILE A 127 20.11 8.38 -3.30
C ILE A 127 20.82 8.23 -1.96
N THR A 128 21.73 9.15 -1.67
CA THR A 128 22.49 9.04 -0.43
C THR A 128 21.58 9.14 0.82
N ARG A 129 20.62 10.09 0.80
CA ARG A 129 19.72 10.19 1.93
C ARG A 129 18.86 8.94 2.08
N LEU A 130 18.35 8.47 0.97
CA LEU A 130 17.54 7.24 0.98
C LEU A 130 18.32 6.05 1.56
N LYS A 131 19.57 5.91 1.14
CA LYS A 131 20.40 4.82 1.69
C LYS A 131 20.71 5.02 3.16
N ASP A 132 20.90 6.26 3.58
CA ASP A 132 21.11 6.55 5.02
C ASP A 132 19.93 6.12 5.85
N LEU A 133 18.74 6.57 5.47
CA LEU A 133 17.51 6.20 6.22
C LEU A 133 17.35 4.69 6.20
N TRP A 134 17.47 4.08 5.03
CA TRP A 134 17.27 2.62 5.00
C TRP A 134 18.31 1.77 5.71
N THR A 135 19.51 2.30 5.80
CA THR A 135 20.59 1.63 6.59
C THR A 135 20.18 1.62 8.05
N GLN A 136 19.72 2.76 8.50
CA GLN A 136 19.28 2.85 9.90
C GLN A 136 18.14 1.92 10.23
N ILE A 137 17.12 1.94 9.35
CA ILE A 137 15.97 1.07 9.53
C ILE A 137 16.38 -0.41 9.46
N ALA A 138 17.08 -0.78 8.39
CA ALA A 138 17.41 -2.14 8.22
C ALA A 138 18.26 -2.65 9.38
N ASN A 139 19.18 -1.83 9.86
CA ASN A 139 20.03 -2.29 10.95
C ASN A 139 19.20 -2.54 12.22
N GLU A 140 18.24 -1.67 12.46
CA GLU A 140 17.36 -1.79 13.63
C GLU A 140 16.55 -3.09 13.59
N PHE A 141 16.12 -3.50 12.41
CA PHE A 141 15.23 -4.59 12.25
C PHE A 141 15.90 -5.82 11.71
N LYS A 142 17.24 -5.85 11.79
CA LYS A 142 18.03 -6.83 11.11
C LYS A 142 17.65 -8.26 11.51
N ASP A 143 17.27 -8.47 12.78
CA ASP A 143 17.02 -9.83 13.26
C ASP A 143 15.60 -10.35 13.06
N TYR A 144 14.75 -9.58 12.44
CA TYR A 144 13.38 -10.02 12.15
C TYR A 144 13.45 -10.97 10.98
N ASP A 145 12.57 -11.96 10.96
CA ASP A 145 12.55 -12.98 9.93
C ASP A 145 11.69 -12.51 8.78
N GLU A 146 11.32 -13.44 7.90
CA GLU A 146 10.72 -13.11 6.61
C GLU A 146 9.31 -12.49 6.81
N HIS A 147 8.78 -12.54 8.03
CA HIS A 147 7.46 -11.90 8.29
C HIS A 147 7.56 -10.36 8.11
N LEU A 148 8.78 -9.81 8.11
CA LEU A 148 8.97 -8.36 7.98
C LEU A 148 9.49 -8.11 6.57
N LEU A 149 8.77 -7.31 5.79
CA LEU A 149 9.15 -6.86 4.45
C LEU A 149 9.37 -5.34 4.57
N PHE A 150 10.26 -4.81 3.75
CA PHE A 150 10.45 -3.37 3.64
C PHE A 150 9.99 -2.93 2.25
N ALA A 151 9.46 -1.73 2.19
CA ALA A 151 9.00 -1.04 0.93
C ALA A 151 9.68 0.33 0.89
N GLY A 152 10.51 0.58 -0.11
CA GLY A 152 11.44 1.73 -0.03
C GLY A 152 10.80 3.08 -0.11
N LEU A 153 9.75 3.19 -0.94
CA LEU A 153 9.03 4.45 -1.22
C LEU A 153 7.56 4.15 -1.11
N ASN A 154 6.72 5.14 -1.48
CA ASN A 154 5.26 5.02 -1.42
C ASN A 154 4.62 5.25 -2.82
N GLU A 155 4.38 6.49 -3.20
CA GLU A 155 3.69 6.81 -4.44
C GLU A 155 4.55 7.79 -5.22
N PRO A 156 5.73 7.35 -5.70
CA PRO A 156 6.68 8.27 -6.36
C PRO A 156 6.07 9.06 -7.50
N PHE A 157 6.23 10.38 -7.46
CA PHE A 157 5.70 11.31 -8.47
C PHE A 157 4.23 11.14 -8.80
N GLN A 158 3.45 10.78 -7.79
CA GLN A 158 2.00 10.72 -7.98
C GLN A 158 1.31 12.05 -8.07
N GLU A 159 1.99 13.12 -7.70
CA GLU A 159 1.28 14.42 -7.57
C GLU A 159 0.98 14.96 -8.97
N TYR A 160 -0.33 14.88 -9.37
CA TYR A 160 -0.72 15.08 -10.76
C TYR A 160 -0.36 16.44 -11.33
N SER A 161 -0.55 17.47 -10.54
CA SER A 161 -0.35 18.81 -11.03
C SER A 161 1.12 19.08 -11.34
N LEU A 162 2.03 18.37 -10.70
CA LEU A 162 3.44 18.47 -11.03
C LEU A 162 3.87 17.48 -12.14
N PHE A 163 3.39 16.23 -12.04
CA PHE A 163 4.09 15.13 -12.72
C PHE A 163 3.33 14.46 -13.85
N SER A 164 2.04 14.79 -13.98
CA SER A 164 1.26 14.28 -15.10
C SER A 164 1.99 14.49 -16.40
N GLY A 165 2.07 13.46 -17.25
CA GLY A 165 2.75 13.66 -18.55
C GLY A 165 4.28 13.55 -18.48
N HIS A 166 4.85 13.32 -17.31
CA HIS A 166 6.28 13.15 -17.13
C HIS A 166 6.70 11.75 -16.69
N HIS A 167 5.83 10.78 -16.76
CA HIS A 167 6.15 9.46 -16.23
C HIS A 167 7.29 8.75 -16.99
N GLU A 168 7.31 8.86 -18.31
CA GLU A 168 8.36 8.27 -19.08
C GLU A 168 9.72 8.82 -18.65
N GLU A 169 9.79 10.16 -18.57
CA GLU A 169 11.01 10.88 -18.13
C GLU A 169 11.44 10.45 -16.75
N LEU A 170 10.50 10.32 -15.84
CA LEU A 170 10.84 10.15 -14.44
C LEU A 170 11.07 8.70 -14.00
N THR A 171 10.52 7.72 -14.74
CA THR A 171 10.63 6.33 -14.30
C THR A 171 12.12 5.89 -14.13
N PRO A 172 13.03 6.33 -15.02
CA PRO A 172 14.43 5.88 -14.84
C PRO A 172 15.05 6.40 -13.58
N ILE A 173 14.61 7.57 -13.12
CA ILE A 173 15.04 8.07 -11.88
C ILE A 173 14.53 7.24 -10.70
N LEU A 174 13.23 6.95 -10.73
CA LEU A 174 12.66 6.04 -9.76
C LEU A 174 13.36 4.70 -9.77
N CYS A 175 13.75 4.16 -10.92
CA CYS A 175 14.49 2.89 -10.93
C CYS A 175 15.81 3.02 -10.14
N ARG A 176 16.47 4.17 -10.25
CA ARG A 176 17.66 4.40 -9.46
C ARG A 176 17.39 4.44 -7.98
N TYR A 177 16.32 5.09 -7.58
CA TYR A 177 15.98 5.12 -6.17
C TYR A 177 15.63 3.72 -5.64
N ASN A 178 14.80 2.99 -6.33
CA ASN A 178 14.44 1.65 -5.96
C ASN A 178 15.71 0.73 -5.80
N GLN A 179 16.64 0.91 -6.72
CA GLN A 179 17.90 0.17 -6.65
C GLN A 179 18.75 0.56 -5.47
N ALA A 180 18.76 1.86 -5.15
CA ALA A 180 19.43 2.34 -3.99
C ALA A 180 18.91 1.77 -2.69
N PHE A 181 17.58 1.70 -2.57
CA PHE A 181 16.95 1.14 -1.39
C PHE A 181 17.36 -0.32 -1.23
N VAL A 182 17.24 -1.10 -2.32
CA VAL A 182 17.60 -2.50 -2.29
C VAL A 182 19.07 -2.66 -1.87
N GLU A 183 20.00 -1.91 -2.49
CA GLU A 183 21.41 -2.05 -2.22
C GLU A 183 21.70 -1.79 -0.76
N ALA A 184 21.11 -0.71 -0.21
CA ALA A 184 21.35 -0.38 1.16
C ALA A 184 20.89 -1.43 2.10
N VAL A 185 19.70 -1.98 1.86
CA VAL A 185 19.19 -2.97 2.78
C VAL A 185 20.02 -4.23 2.65
N ARG A 186 20.31 -4.68 1.41
CA ARG A 186 21.03 -5.98 1.24
C ARG A 186 22.43 -5.90 1.89
N ALA A 187 23.06 -4.73 1.81
CA ALA A 187 24.40 -4.54 2.39
C ALA A 187 24.44 -4.84 3.89
N THR A 188 23.33 -4.69 4.60
CA THR A 188 23.37 -4.83 6.03
C THR A 188 23.39 -6.32 6.47
N GLY A 189 23.16 -7.14 5.48
CA GLY A 189 23.31 -8.58 5.57
C GLY A 189 22.32 -9.18 6.56
N GLY A 190 22.67 -10.35 7.04
CA GLY A 190 21.89 -11.00 8.11
C GLY A 190 20.60 -11.36 7.51
N ASN A 191 19.53 -11.31 8.29
CA ASN A 191 18.25 -11.55 7.63
C ASN A 191 17.95 -10.56 6.51
N ASN A 192 18.58 -9.40 6.51
CA ASN A 192 18.27 -8.40 5.47
C ASN A 192 18.74 -8.79 4.08
N ALA A 193 19.69 -9.68 4.00
CA ALA A 193 20.09 -10.23 2.69
C ALA A 193 19.02 -11.11 2.08
N GLN A 194 18.17 -11.73 2.92
CA GLN A 194 17.19 -12.72 2.51
C GLN A 194 15.73 -12.22 2.61
N ARG A 195 15.48 -11.09 3.22
CA ARG A 195 14.15 -10.50 3.41
C ARG A 195 13.54 -10.18 2.04
N THR A 196 12.23 -10.28 1.87
CA THR A 196 11.60 -9.81 0.64
C THR A 196 11.43 -8.28 0.74
N LEU A 197 11.84 -7.57 -0.33
CA LEU A 197 11.76 -6.13 -0.41
C LEU A 197 10.77 -5.79 -1.51
N VAL A 198 10.14 -4.65 -1.34
CA VAL A 198 9.04 -4.21 -2.21
C VAL A 198 9.43 -2.86 -2.82
N VAL A 199 9.47 -2.81 -4.15
CA VAL A 199 9.79 -1.61 -4.88
C VAL A 199 8.54 -1.05 -5.55
N GLN A 200 8.46 0.26 -5.71
CA GLN A 200 7.24 0.90 -6.19
C GLN A 200 7.33 1.26 -7.69
N GLY A 201 6.21 1.11 -8.41
CA GLY A 201 6.13 1.59 -9.78
C GLY A 201 5.86 3.06 -9.86
N PRO A 202 6.07 3.63 -11.04
CA PRO A 202 5.81 5.04 -11.31
C PRO A 202 4.38 5.46 -10.95
N SER A 203 4.27 6.46 -10.09
CA SER A 203 2.97 6.93 -9.53
C SER A 203 2.11 5.81 -8.94
N THR A 204 2.77 4.69 -8.56
CA THR A 204 2.11 3.44 -8.19
C THR A 204 0.91 3.22 -9.14
N ASN A 205 1.15 3.46 -10.41
CA ASN A 205 0.10 3.43 -11.45
C ASN A 205 0.31 2.19 -12.35
N ILE A 206 -0.73 1.35 -12.49
CA ILE A 206 -0.61 0.12 -13.28
C ILE A 206 -0.11 0.42 -14.72
N ASN A 207 -0.82 1.30 -15.42
CA ASN A 207 -0.53 1.56 -16.80
C ASN A 207 0.89 2.06 -16.97
N SER A 208 1.30 3.01 -16.16
CA SER A 208 2.68 3.51 -16.29
C SER A 208 3.70 2.47 -15.89
N SER A 209 3.40 1.69 -14.86
CA SER A 209 4.33 0.70 -14.38
C SER A 209 4.64 -0.37 -15.46
N VAL A 210 3.58 -0.91 -16.04
CA VAL A 210 3.78 -2.01 -16.97
C VAL A 210 4.42 -1.50 -18.26
N ASN A 211 4.24 -0.22 -18.56
CA ASN A 211 4.89 0.40 -19.70
C ASN A 211 6.40 0.65 -19.48
N TYR A 212 6.69 1.49 -18.51
CA TYR A 212 8.01 2.02 -18.30
C TYR A 212 8.87 1.25 -17.34
N MET A 213 8.27 0.50 -16.46
CA MET A 213 9.01 -0.27 -15.48
C MET A 213 8.85 -1.75 -15.69
N THR A 214 9.32 -2.24 -16.86
CA THR A 214 9.29 -3.65 -17.14
C THR A 214 10.24 -4.41 -16.23
N ALA A 215 10.03 -5.73 -16.17
CA ALA A 215 10.71 -6.57 -15.20
C ALA A 215 12.23 -6.50 -15.36
N ASP A 216 12.71 -6.31 -16.58
CA ASP A 216 14.19 -6.24 -16.82
C ASP A 216 14.81 -5.02 -16.17
N LYS A 217 13.97 -4.08 -15.72
CA LYS A 217 14.46 -2.85 -15.06
C LYS A 217 14.41 -2.92 -13.57
N LEU A 218 13.89 -4.01 -12.98
CA LEU A 218 13.83 -4.11 -11.58
C LEU A 218 15.27 -4.36 -11.03
N PRO A 219 15.48 -4.00 -9.78
CA PRO A 219 16.84 -3.97 -9.27
C PRO A 219 17.42 -5.36 -8.91
N GLU A 220 16.59 -6.42 -8.88
CA GLU A 220 17.10 -7.79 -8.65
C GLU A 220 16.31 -8.72 -9.54
N THR A 221 16.87 -9.88 -9.79
CA THR A 221 16.12 -10.93 -10.46
C THR A 221 14.98 -11.38 -9.50
N ALA A 222 14.04 -12.18 -10.01
CA ALA A 222 12.97 -12.72 -9.18
C ALA A 222 13.56 -13.56 -8.08
N GLY A 223 12.91 -13.53 -6.94
CA GLY A 223 13.29 -14.43 -5.84
C GLY A 223 12.79 -13.85 -4.52
N ARG A 224 13.23 -12.63 -4.24
CA ARG A 224 13.00 -11.97 -2.97
C ARG A 224 12.61 -10.50 -3.15
N LEU A 225 11.85 -10.25 -4.21
CA LEU A 225 11.38 -8.91 -4.58
C LEU A 225 9.94 -8.93 -4.99
N MET A 226 9.21 -7.91 -4.53
CA MET A 226 7.86 -7.68 -4.98
C MET A 226 7.76 -6.28 -5.57
N VAL A 227 6.68 -6.05 -6.35
CA VAL A 227 6.40 -4.74 -6.97
C VAL A 227 5.07 -4.23 -6.42
N GLU A 228 5.03 -2.93 -6.15
CA GLU A 228 3.86 -2.29 -5.61
C GLU A 228 3.24 -1.23 -6.52
N VAL A 229 1.92 -1.34 -6.66
CA VAL A 229 1.05 -0.34 -7.22
C VAL A 229 -0.10 -0.09 -6.28
N HIS A 230 -0.83 1.01 -6.49
CA HIS A 230 -2.01 1.32 -5.75
C HIS A 230 -3.18 1.34 -6.72
N TYR A 231 -4.40 1.22 -6.20
CA TYR A 231 -5.59 1.02 -7.07
C TYR A 231 -6.77 1.70 -6.44
N TYR A 232 -7.17 2.78 -7.06
CA TYR A 232 -8.25 3.61 -6.56
C TYR A 232 -9.27 3.95 -7.68
N ASP A 233 -9.37 3.12 -8.72
CA ASP A 233 -10.38 3.38 -9.75
C ASP A 233 -11.66 2.64 -9.39
N PRO A 234 -12.80 3.28 -9.61
CA PRO A 234 -13.06 4.67 -10.05
C PRO A 234 -13.02 5.59 -8.85
N GLY A 235 -12.35 6.75 -8.99
CA GLY A 235 -12.14 7.62 -7.85
C GLY A 235 -13.34 8.16 -7.14
N GLN A 236 -14.44 8.29 -7.87
CA GLN A 236 -15.67 8.78 -7.30
C GLN A 236 -16.36 7.77 -6.38
N PHE A 237 -16.02 6.49 -6.53
CA PHE A 237 -16.45 5.45 -5.62
C PHE A 237 -15.42 5.20 -4.50
N CYS A 238 -14.15 5.30 -4.86
CA CYS A 238 -13.03 4.91 -3.99
C CYS A 238 -12.54 5.99 -3.05
N GLY A 239 -12.89 7.25 -3.37
CA GLY A 239 -12.57 8.38 -2.53
C GLY A 239 -11.49 9.34 -2.92
N THR A 240 -10.90 9.15 -4.06
CA THR A 240 -9.75 9.99 -4.48
C THR A 240 -10.15 11.31 -5.12
N PHE A 241 -11.27 11.39 -5.84
CA PHE A 241 -11.70 12.65 -6.44
C PHE A 241 -13.17 12.60 -6.73
N ASP A 242 -13.76 13.77 -6.70
CA ASP A 242 -15.19 14.00 -7.07
C ASP A 242 -16.03 12.89 -6.37
N ALA A 243 -15.82 12.70 -5.10
CA ALA A 243 -16.34 11.50 -4.44
C ALA A 243 -17.42 11.76 -3.42
N SER A 244 -17.86 12.99 -3.32
CA SER A 244 -19.07 13.30 -2.55
C SER A 244 -19.92 14.26 -3.44
N GLY A 245 -21.21 14.28 -3.16
CA GLY A 245 -22.15 15.12 -3.93
C GLY A 245 -22.63 14.49 -5.21
N ASP A 246 -23.02 15.33 -6.15
CA ASP A 246 -23.69 14.88 -7.35
C ASP A 246 -22.82 14.01 -8.26
N ASN A 247 -21.49 14.20 -8.23
CA ASN A 247 -20.61 13.43 -9.10
C ASN A 247 -20.16 12.11 -8.45
N ALA A 248 -20.50 11.91 -7.19
CA ALA A 248 -20.01 10.71 -6.42
C ALA A 248 -20.67 9.45 -6.99
N PHE A 249 -20.00 8.36 -6.74
CA PHE A 249 -20.55 7.03 -7.04
C PHE A 249 -20.90 6.35 -5.77
N TYR A 250 -22.17 5.90 -5.66
CA TYR A 250 -22.61 5.05 -4.54
C TYR A 250 -22.78 3.61 -4.91
N PHE A 251 -22.98 3.35 -6.21
CA PHE A 251 -23.33 2.01 -6.68
C PHE A 251 -22.27 1.57 -7.68
N TRP A 252 -21.93 0.30 -7.59
CA TRP A 252 -20.83 -0.22 -8.39
C TRP A 252 -21.06 -1.67 -8.65
N GLY A 253 -20.77 -2.07 -9.89
CA GLY A 253 -20.99 -3.44 -10.31
C GLY A 253 -22.24 -3.46 -11.17
N ALA A 254 -22.17 -4.19 -12.27
CA ALA A 254 -23.33 -4.38 -13.15
C ALA A 254 -24.63 -4.65 -12.42
N ALA A 255 -24.63 -5.52 -11.45
CA ALA A 255 -25.85 -5.96 -10.80
C ALA A 255 -26.37 -5.02 -9.71
N ASN A 256 -25.65 -3.93 -9.46
CA ASN A 256 -25.92 -3.14 -8.29
C ASN A 256 -26.32 -1.72 -8.59
N HIS A 257 -26.57 -1.39 -9.84
CA HIS A 257 -26.96 -0.01 -10.14
C HIS A 257 -28.37 0.34 -9.61
N SER A 258 -28.53 1.65 -9.34
CA SER A 258 -29.75 2.20 -8.78
C SER A 258 -30.14 3.46 -9.53
N THR A 259 -30.91 4.26 -8.88
CA THR A 259 -31.55 5.44 -9.47
C THR A 259 -30.63 6.53 -10.01
N ASP A 260 -29.47 6.74 -9.33
CA ASP A 260 -28.57 7.79 -9.65
C ASP A 260 -27.25 7.48 -8.95
N HIS A 261 -26.24 8.35 -9.09
CA HIS A 261 -24.89 8.10 -8.48
C HIS A 261 -24.35 6.69 -8.80
N ASN A 262 -24.57 6.25 -10.06
CA ASN A 262 -24.05 4.94 -10.53
C ASN A 262 -22.67 5.13 -11.09
N ALA A 263 -21.78 4.19 -10.80
CA ALA A 263 -20.46 4.18 -11.48
C ALA A 263 -20.72 4.03 -12.96
N THR A 264 -20.03 4.84 -13.77
CA THR A 264 -20.12 4.85 -15.20
C THR A 264 -18.85 4.32 -15.89
N TYR A 265 -17.84 3.99 -15.10
CA TYR A 265 -16.59 3.36 -15.56
C TYR A 265 -15.94 2.72 -14.38
N GLY A 266 -14.96 1.88 -14.70
CA GLY A 266 -14.13 1.32 -13.63
C GLY A 266 -14.77 0.21 -12.88
N GLU A 267 -15.65 -0.55 -13.55
CA GLU A 267 -16.35 -1.66 -12.90
C GLU A 267 -15.60 -2.96 -13.06
N GLU A 268 -16.28 -4.09 -12.97
CA GLU A 268 -15.56 -5.31 -12.77
C GLU A 268 -14.68 -5.72 -13.94
N ALA A 269 -15.11 -5.53 -15.17
CA ALA A 269 -14.29 -5.86 -16.31
C ALA A 269 -13.06 -5.01 -16.39
N TYR A 270 -13.24 -3.72 -16.12
CA TYR A 270 -12.08 -2.82 -16.07
C TYR A 270 -11.08 -3.30 -15.04
N MET A 271 -11.55 -3.61 -13.83
CA MET A 271 -10.65 -4.06 -12.73
C MET A 271 -9.91 -5.32 -13.14
N LEU A 272 -10.64 -6.30 -13.71
CA LEU A 272 -10.02 -7.51 -14.13
C LEU A 272 -8.93 -7.28 -15.17
N SER A 273 -9.21 -6.41 -16.14
CA SER A 273 -8.23 -6.05 -17.17
C SER A 273 -6.97 -5.48 -16.59
N GLN A 274 -7.13 -4.54 -15.64
CA GLN A 274 -5.99 -3.88 -15.02
C GLN A 274 -5.11 -4.88 -14.24
N PHE A 275 -5.79 -5.72 -13.45
CA PHE A 275 -5.05 -6.69 -12.67
C PHE A 275 -4.31 -7.67 -13.61
N GLY A 276 -4.93 -8.01 -14.72
CA GLY A 276 -4.31 -8.85 -15.75
C GLY A 276 -2.98 -8.27 -16.28
N LEU A 277 -2.91 -6.93 -16.42
CA LEU A 277 -1.70 -6.26 -16.85
C LEU A 277 -0.54 -6.57 -15.85
N LEU A 278 -0.86 -6.59 -14.56
CA LEU A 278 0.12 -6.85 -13.50
C LEU A 278 0.58 -8.27 -13.54
N LYS A 279 -0.31 -9.20 -13.92
CA LYS A 279 0.05 -10.61 -14.03
C LYS A 279 1.07 -10.76 -15.19
N THR A 280 0.74 -10.12 -16.29
CA THR A 280 1.55 -10.20 -17.45
C THR A 280 2.95 -9.61 -17.21
N ALA A 281 3.00 -8.46 -16.58
CA ALA A 281 4.25 -7.74 -16.39
C ALA A 281 5.18 -8.27 -15.31
N TYR A 282 4.56 -8.73 -14.23
CA TYR A 282 5.29 -9.03 -12.97
C TYR A 282 5.03 -10.42 -12.42
N THR A 283 3.77 -10.76 -12.10
CA THR A 283 3.55 -11.95 -11.30
C THR A 283 3.83 -13.23 -12.11
N SER A 284 3.58 -13.23 -13.42
CA SER A 284 3.93 -14.33 -14.28
C SER A 284 5.45 -14.46 -14.46
N LEU A 285 6.17 -13.41 -14.14
CA LEU A 285 7.62 -13.43 -14.20
C LEU A 285 8.27 -13.63 -12.82
N GLY A 286 7.51 -14.02 -11.81
CA GLY A 286 8.10 -14.40 -10.54
C GLY A 286 8.26 -13.27 -9.53
N TYR A 287 7.65 -12.12 -9.83
CA TYR A 287 7.60 -10.97 -8.89
C TYR A 287 6.17 -10.81 -8.38
N PRO A 288 5.90 -11.28 -7.17
CA PRO A 288 4.58 -11.00 -6.64
C PRO A 288 4.30 -9.52 -6.64
N VAL A 289 3.02 -9.15 -6.74
CA VAL A 289 2.64 -7.76 -6.66
C VAL A 289 1.84 -7.51 -5.40
N ILE A 290 2.03 -6.33 -4.79
CA ILE A 290 1.13 -5.90 -3.78
C ILE A 290 0.40 -4.68 -4.31
N ILE A 291 -0.92 -4.75 -4.20
CA ILE A 291 -1.73 -3.53 -4.31
C ILE A 291 -1.69 -2.94 -2.92
N GLY A 292 -0.74 -2.01 -2.74
CA GLY A 292 -0.46 -1.51 -1.40
C GLY A 292 -1.58 -0.71 -0.75
N GLU A 293 -2.48 -0.14 -1.55
CA GLU A 293 -3.66 0.55 -1.08
C GLU A 293 -4.73 0.39 -2.12
N TYR A 294 -5.93 0.19 -1.60
CA TYR A 294 -7.20 0.27 -2.35
C TYR A 294 -8.28 0.58 -1.33
N ALA A 295 -9.43 1.06 -1.78
CA ALA A 295 -10.57 1.29 -0.84
C ALA A 295 -11.83 1.55 -1.64
N ALA A 296 -12.97 1.40 -0.98
CA ALA A 296 -14.21 2.04 -1.45
C ALA A 296 -14.82 2.72 -0.28
N LEU A 297 -15.54 3.81 -0.53
CA LEU A 297 -16.19 4.49 0.55
C LEU A 297 -17.48 3.78 0.98
N GLN A 298 -17.58 3.48 2.24
CA GLN A 298 -18.82 3.01 2.85
C GLN A 298 -19.48 4.29 3.44
N ARG A 299 -20.70 4.48 3.02
CA ARG A 299 -21.44 5.68 3.28
C ARG A 299 -22.79 5.37 3.89
N THR A 300 -23.42 6.41 4.36
CA THR A 300 -24.83 6.43 4.72
C THR A 300 -25.51 7.40 3.74
N ILE A 301 -26.47 6.86 2.96
CA ILE A 301 -27.09 7.61 1.90
C ILE A 301 -28.57 7.68 1.98
N SER A 302 -29.16 8.70 1.34
CA SER A 302 -30.59 8.83 1.39
C SER A 302 -31.37 7.85 0.46
N GLY A 303 -30.71 7.28 -0.54
CA GLY A 303 -31.28 6.36 -1.54
C GLY A 303 -31.26 4.91 -1.01
N ASP A 304 -30.96 3.98 -1.90
CA ASP A 304 -31.03 2.60 -1.64
C ASP A 304 -29.76 2.15 -0.89
N GLN A 305 -29.86 2.17 0.42
CA GLN A 305 -28.75 1.85 1.28
C GLN A 305 -28.31 0.42 1.06
N ASN A 306 -29.25 -0.47 0.87
CA ASN A 306 -28.85 -1.88 0.72
C ASN A 306 -28.03 -2.09 -0.52
N LYS A 307 -28.40 -1.39 -1.58
CA LYS A 307 -27.65 -1.51 -2.85
C LYS A 307 -26.26 -0.87 -2.75
N HIS A 308 -26.16 0.23 -1.99
CA HIS A 308 -24.86 0.79 -1.74
C HIS A 308 -24.02 -0.19 -0.92
N ASN A 309 -24.59 -0.76 0.12
CA ASN A 309 -23.83 -1.69 0.96
C ASN A 309 -23.36 -2.89 0.11
N ALA A 310 -24.26 -3.38 -0.75
CA ALA A 310 -23.88 -4.49 -1.64
C ALA A 310 -22.76 -4.12 -2.61
N SER A 311 -22.72 -2.84 -3.02
CA SER A 311 -21.74 -2.35 -3.90
C SER A 311 -20.39 -2.35 -3.19
N VAL A 312 -20.37 -1.95 -1.94
CA VAL A 312 -19.13 -1.89 -1.19
C VAL A 312 -18.63 -3.32 -1.01
N LYS A 313 -19.52 -4.20 -0.59
CA LYS A 313 -19.12 -5.63 -0.46
C LYS A 313 -18.53 -6.16 -1.74
N TYR A 314 -19.26 -5.94 -2.83
CA TYR A 314 -18.87 -6.51 -4.12
C TYR A 314 -17.54 -5.94 -4.60
N PHE A 315 -17.29 -4.66 -4.35
CA PHE A 315 -16.00 -4.09 -4.71
C PHE A 315 -14.83 -4.76 -3.96
N TYR A 316 -14.92 -4.87 -2.64
CA TYR A 316 -13.90 -5.58 -1.84
C TYR A 316 -13.79 -7.01 -2.29
N GLN A 317 -14.92 -7.67 -2.59
CA GLN A 317 -14.86 -8.99 -3.07
C GLN A 317 -14.08 -9.11 -4.37
N CYS A 318 -14.39 -8.27 -5.36
CA CYS A 318 -13.71 -8.31 -6.68
C CYS A 318 -12.23 -8.05 -6.49
N VAL A 319 -11.90 -7.00 -5.74
CA VAL A 319 -10.43 -6.72 -5.52
C VAL A 319 -9.74 -7.95 -5.03
N ASN A 320 -10.26 -8.61 -3.99
CA ASN A 320 -9.52 -9.64 -3.39
C ASN A 320 -9.59 -10.92 -4.20
N GLU A 321 -10.71 -11.18 -4.90
CA GLU A 321 -10.80 -12.36 -5.72
C GLU A 321 -9.85 -12.23 -6.88
N TYR A 322 -9.97 -11.14 -7.62
CA TYR A 322 -9.18 -10.93 -8.81
C TYR A 322 -7.71 -10.76 -8.46
N ALA A 323 -7.40 -10.14 -7.32
CA ALA A 323 -5.98 -10.08 -6.91
C ALA A 323 -5.43 -11.45 -6.69
N THR A 324 -6.15 -12.25 -5.89
CA THR A 324 -5.65 -13.60 -5.57
C THR A 324 -5.44 -14.35 -6.84
N ASN A 325 -6.40 -14.31 -7.76
CA ASN A 325 -6.24 -15.11 -8.96
C ASN A 325 -4.98 -14.73 -9.79
N ASN A 326 -4.56 -13.49 -9.66
CA ASN A 326 -3.47 -12.94 -10.45
C ASN A 326 -2.11 -12.88 -9.68
N GLY A 327 -2.06 -13.46 -8.51
CA GLY A 327 -0.84 -13.51 -7.71
C GLY A 327 -0.49 -12.15 -7.07
N ILE A 328 -1.54 -11.41 -6.73
CA ILE A 328 -1.48 -10.11 -6.18
C ILE A 328 -2.07 -10.14 -4.75
N ILE A 329 -1.38 -9.50 -3.79
CA ILE A 329 -1.90 -9.32 -2.42
C ILE A 329 -2.39 -7.88 -2.33
N ALA A 330 -3.63 -7.71 -1.96
CA ALA A 330 -4.24 -6.38 -1.86
C ALA A 330 -4.39 -5.95 -0.41
N PHE A 331 -4.08 -4.65 -0.14
CA PHE A 331 -4.07 -4.10 1.22
C PHE A 331 -5.12 -2.93 1.37
N ALA A 332 -6.14 -3.14 2.20
CA ALA A 332 -7.23 -2.17 2.34
C ALA A 332 -6.73 -0.93 3.03
N TRP A 333 -7.09 0.22 2.49
CA TRP A 333 -6.70 1.49 3.11
C TRP A 333 -7.72 1.84 4.18
N ASP A 334 -7.25 1.96 5.39
CA ASP A 334 -8.11 2.15 6.56
C ASP A 334 -7.47 3.17 7.51
N THR A 335 -8.19 4.26 7.73
CA THR A 335 -7.69 5.42 8.52
C THR A 335 -8.37 5.60 9.87
N ASN A 336 -9.19 4.62 10.27
CA ASN A 336 -9.84 4.71 11.59
C ASN A 336 -10.67 5.97 11.71
N ASP A 337 -11.53 6.20 10.71
CA ASP A 337 -12.53 7.24 10.72
C ASP A 337 -13.89 6.57 10.78
N THR A 338 -14.38 6.36 12.00
CA THR A 338 -15.66 5.71 12.20
C THR A 338 -16.83 6.66 11.90
N ASN A 339 -16.63 7.95 12.09
CA ASN A 339 -17.76 8.87 11.93
C ASN A 339 -18.14 9.06 10.49
N GLY A 340 -17.16 9.06 9.59
CA GLY A 340 -17.48 9.21 8.17
C GLY A 340 -18.44 8.15 7.61
N LEU A 341 -18.43 6.96 8.22
CA LEU A 341 -19.31 5.92 7.81
C LEU A 341 -20.78 6.34 7.94
N ASN A 342 -21.06 7.26 8.86
CA ASN A 342 -22.39 7.81 9.10
C ASN A 342 -22.67 9.14 8.39
N SER A 343 -22.18 9.25 7.17
CA SER A 343 -22.39 10.39 6.35
C SER A 343 -22.33 10.00 4.91
N GLU A 344 -22.84 10.90 4.07
CA GLU A 344 -22.79 10.69 2.65
C GLU A 344 -21.35 10.61 2.10
N GLY A 345 -20.46 11.39 2.70
CA GLY A 345 -19.12 11.44 2.28
C GLY A 345 -18.41 10.12 2.48
N GLY A 346 -18.81 9.33 3.50
CA GLY A 346 -18.27 8.00 3.70
C GLY A 346 -16.89 7.90 4.31
N SER A 347 -16.50 6.65 4.53
CA SER A 347 -15.20 6.32 5.03
C SER A 347 -14.84 4.90 4.51
N SER A 348 -13.55 4.62 4.34
CA SER A 348 -13.08 3.30 4.03
C SER A 348 -12.72 2.47 5.25
N THR A 349 -13.08 2.95 6.42
CA THR A 349 -12.71 2.28 7.65
C THR A 349 -13.43 0.97 7.87
N ILE A 350 -12.63 -0.07 8.15
CA ILE A 350 -13.15 -1.38 8.44
C ILE A 350 -13.05 -1.70 9.93
N ILE A 351 -11.90 -1.36 10.55
CA ILE A 351 -11.63 -1.64 11.94
C ILE A 351 -11.89 -0.44 12.83
N ASP A 352 -12.83 -0.58 13.77
CA ASP A 352 -13.04 0.39 14.81
C ASP A 352 -11.95 0.18 15.86
N ARG A 353 -10.85 0.93 15.75
CA ARG A 353 -9.68 0.67 16.66
C ARG A 353 -9.97 0.93 18.08
N ALA A 354 -10.74 1.95 18.35
CA ALA A 354 -11.05 2.23 19.74
C ALA A 354 -11.77 1.09 20.46
N ASN A 355 -12.58 0.30 19.72
CA ASN A 355 -13.23 -0.87 20.23
C ASN A 355 -12.70 -2.20 19.83
N SER A 356 -11.55 -2.25 19.17
CA SER A 356 -10.97 -3.48 18.64
C SER A 356 -12.01 -4.41 18.01
N ALA A 357 -12.74 -3.88 17.04
CA ALA A 357 -13.83 -4.59 16.41
C ALA A 357 -14.04 -4.16 14.98
N VAL A 358 -14.69 -5.00 14.17
CA VAL A 358 -15.04 -4.63 12.82
C VAL A 358 -16.33 -3.82 12.83
N VAL A 359 -16.29 -2.66 12.20
CA VAL A 359 -17.46 -1.80 11.99
C VAL A 359 -17.84 -1.74 10.50
N GLY A 360 -16.84 -1.88 9.62
CA GLY A 360 -17.09 -1.97 8.15
C GLY A 360 -17.43 -3.34 7.70
N ASN A 361 -18.64 -3.81 7.99
CA ASN A 361 -19.01 -5.21 7.85
C ASN A 361 -19.20 -5.54 6.40
N ASN A 362 -19.64 -4.58 5.60
CA ASN A 362 -19.86 -4.89 4.19
C ASN A 362 -18.53 -5.11 3.44
N ALA A 363 -17.62 -4.16 3.66
CA ALA A 363 -16.24 -4.27 3.13
C ALA A 363 -15.59 -5.60 3.61
N MET A 364 -15.69 -5.90 4.91
CA MET A 364 -15.04 -7.08 5.49
C MET A 364 -15.64 -8.36 4.91
N GLU A 365 -16.97 -8.41 4.81
CA GLU A 365 -17.59 -9.57 4.22
C GLU A 365 -17.11 -9.76 2.80
N GLY A 366 -16.91 -8.68 2.09
CA GLY A 366 -16.43 -8.71 0.75
C GLY A 366 -15.00 -9.22 0.65
N VAL A 367 -14.12 -8.72 1.50
CA VAL A 367 -12.77 -9.24 1.57
C VAL A 367 -12.79 -10.76 1.75
N LYS A 368 -13.54 -11.22 2.74
CA LYS A 368 -13.57 -12.64 3.06
C LYS A 368 -14.07 -13.45 1.87
N ALA A 369 -15.13 -12.97 1.24
CA ALA A 369 -15.75 -13.68 0.12
C ALA A 369 -14.76 -13.73 -1.07
N GLY A 370 -14.04 -12.64 -1.30
CA GLY A 370 -13.12 -12.54 -2.38
C GLY A 370 -11.92 -13.47 -2.23
N VAL A 371 -11.34 -13.48 -1.03
CA VAL A 371 -10.27 -14.39 -0.72
C VAL A 371 -10.72 -15.87 -0.92
N ALA A 372 -11.91 -16.20 -0.38
CA ALA A 372 -12.44 -17.53 -0.53
C ALA A 372 -12.63 -17.98 -1.99
N ALA A 373 -13.06 -17.07 -2.87
CA ALA A 373 -13.28 -17.37 -4.26
C ALA A 373 -12.03 -17.40 -5.09
N GLY A 374 -11.00 -16.73 -4.62
CA GLY A 374 -9.77 -16.70 -5.36
C GLY A 374 -8.97 -17.96 -5.40
N LYS A 375 -8.11 -18.14 -6.41
CA LYS A 375 -7.20 -19.33 -6.43
C LYS A 375 -5.80 -18.81 -6.68
N TRP A 376 -4.96 -18.84 -5.64
CA TRP A 376 -3.60 -18.30 -5.76
C TRP A 376 -2.78 -19.12 -6.74
N PRO A 377 -2.12 -18.48 -7.71
CA PRO A 377 -1.28 -19.20 -8.66
C PRO A 377 0.14 -19.42 -8.13
N PHE A 378 0.60 -20.64 -8.22
CA PHE A 378 1.90 -20.99 -7.68
C PHE A 378 2.89 -21.03 -8.79
N LEU A 379 3.99 -20.28 -8.66
CA LEU A 379 5.05 -20.29 -9.64
C LEU A 379 6.28 -20.85 -8.90
N GLU A 380 6.58 -22.11 -9.18
CA GLU A 380 7.55 -22.86 -8.47
C GLU A 380 8.59 -23.45 -9.42
N HIS A 381 9.77 -23.71 -8.85
CA HIS A 381 10.83 -24.40 -9.56
C HIS A 381 11.19 -25.74 -8.99
N HIS A 382 10.61 -26.05 -7.86
CA HIS A 382 10.81 -27.31 -7.18
C HIS A 382 9.49 -27.70 -6.53
N HIS A 383 9.32 -28.95 -6.19
CA HIS A 383 8.17 -29.43 -5.46
C HIS A 383 8.02 -28.82 -4.09
N HIS A 384 6.81 -28.35 -3.82
CA HIS A 384 6.39 -28.00 -2.49
C HIS A 384 5.25 -28.87 -1.97
N HIS A 385 5.15 -28.98 -0.65
CA HIS A 385 4.20 -29.96 -0.10
C HIS A 385 2.76 -29.72 -0.43
N HIS A 386 2.33 -28.48 -0.36
CA HIS A 386 0.96 -28.15 -0.53
C HIS A 386 0.06 -28.83 0.43
S SO4 B . 11.07 -22.71 -5.66
O1 SO4 B . 10.01 -23.67 -5.91
O2 SO4 B . 10.63 -21.50 -6.38
O3 SO4 B . 11.13 -22.49 -4.24
O4 SO4 B . 12.43 -23.09 -6.10
S SO4 C . 3.68 9.98 -19.63
O1 SO4 C . 3.22 8.53 -19.68
O2 SO4 C . 2.98 10.77 -20.71
O3 SO4 C . 3.33 10.45 -18.25
O4 SO4 C . 5.19 9.99 -19.93
S SO4 D . -16.28 -1.90 -16.79
O1 SO4 D . -16.59 -0.43 -16.33
O2 SO4 D . -17.59 -2.45 -17.33
O3 SO4 D . -15.99 -2.90 -15.74
O4 SO4 D . -15.35 -1.94 -18.01
S SO4 E . -26.28 7.79 -13.39
O1 SO4 E . -27.03 9.10 -13.52
O2 SO4 E . -27.12 6.56 -13.84
O3 SO4 E . -25.07 7.93 -14.34
O4 SO4 E . -25.88 7.63 -12.05
C1 GOL F . 25.87 -0.03 -0.25
O1 GOL F . 24.74 0.80 -0.41
C2 GOL F . 26.23 -0.82 -1.46
O2 GOL F . 26.03 -0.14 -2.68
C3 GOL F . 27.67 -1.19 -1.23
O3 GOL F . 27.79 -2.55 -1.57
C1 GOL G . 7.29 -26.11 1.56
O1 GOL G . 7.38 -27.45 0.90
C2 GOL G . 6.13 -25.31 0.90
O2 GOL G . 6.13 -23.88 1.19
C3 GOL G . 4.77 -25.82 1.31
O3 GOL G . 3.67 -25.95 0.34
C1 GOL H . -0.18 12.88 -1.42
O1 GOL H . -1.00 11.78 -1.41
C2 GOL H . 0.03 13.44 -0.02
O2 GOL H . -1.13 13.32 0.82
C3 GOL H . 0.44 14.91 -0.26
O3 GOL H . -0.48 15.78 0.30
#